data_5E90
#
_entry.id   5E90
#
_cell.length_a   42.170
_cell.length_b   76.780
_cell.length_c   91.370
_cell.angle_alpha   90.000
_cell.angle_beta   90.000
_cell.angle_gamma   90.000
#
_symmetry.space_group_name_H-M   'P 21 21 21'
#
loop_
_entity.id
_entity.type
_entity.pdbx_description
1 polymer 'TGF-beta receptor type-1'
2 non-polymer 3-amino-6-[4-(2-hydroxyethyl)phenyl]-N-[4-(morpholin-4-yl)pyridin-3-yl]pyrazine-2-carboxamide
3 water water
#
_entity_poly.entity_id   1
_entity_poly.type   'polypeptide(L)'
_entity_poly.pdbx_seq_one_letter_code
;GHMTIARDIVLQESVGKGRFGEVWRGKWRGEEVAVKIFSSREERSWFREAEIFQTVMLRHENILGFIAADNKDNGTWTQL
WLVTDFHEHGNLFDYLNRYTVTVEGMIKLALSTASGLAHLHMEIVGTQGKPAIAHRDLKSKNILVKKNGTCCICDFGLAV
RHDSATDTIDIAPNHRVGTKRYMAPEVLDDSINMKHFESFKRADIYAMGLVFWEIARRCSIGGIHEDYQLPYYDLVPSDP
SVEEMRKVVCEQKLRPNIPNRWQSCEALRVMAKIMRECWYANGAARLTALRIKKTLSQLSQQEGIKM
;
_entity_poly.pdbx_strand_id   A
#
loop_
_chem_comp.id
_chem_comp.type
_chem_comp.name
_chem_comp.formula
5L4 non-polymer 3-amino-6-[4-(2-hydroxyethyl)phenyl]-N-[4-(morpholin-4-yl)pyridin-3-yl]pyrazine-2-carboxamide 'C22 H24 N6 O3'
#
# COMPACT_ATOMS: atom_id res chain seq x y z
N GLY A 1 -9.34 -2.19 -33.42
CA GLY A 1 -8.76 -1.53 -32.28
C GLY A 1 -9.60 -1.69 -31.02
N HIS A 2 -9.30 -2.73 -30.22
CA HIS A 2 -10.03 -3.02 -28.98
C HIS A 2 -9.27 -2.58 -27.72
N MET A 3 -8.03 -3.08 -27.56
CA MET A 3 -7.19 -2.80 -26.39
C MET A 3 -6.86 -1.31 -26.25
N THR A 4 -6.80 -0.84 -24.98
CA THR A 4 -6.49 0.54 -24.58
C THR A 4 -5.02 0.85 -24.94
N ILE A 5 -4.81 1.99 -25.65
CA ILE A 5 -3.50 2.50 -26.14
C ILE A 5 -3.40 4.04 -25.92
N ALA A 6 -2.18 4.55 -25.68
CA ALA A 6 -1.88 5.94 -25.35
C ALA A 6 -2.39 7.01 -26.33
N ARG A 7 -2.29 6.76 -27.67
CA ARG A 7 -2.71 7.73 -28.68
C ARG A 7 -4.21 8.09 -28.66
N ASP A 8 -5.05 7.24 -28.05
CA ASP A 8 -6.49 7.41 -27.91
C ASP A 8 -6.88 8.01 -26.53
N ILE A 9 -5.91 8.32 -25.68
CA ILE A 9 -6.18 8.84 -24.33
C ILE A 9 -5.93 10.34 -24.29
N VAL A 10 -6.86 11.09 -23.69
CA VAL A 10 -6.77 12.54 -23.54
C VAL A 10 -6.63 12.88 -22.05
N LEU A 11 -5.53 13.55 -21.70
CA LEU A 11 -5.26 14.00 -20.34
C LEU A 11 -6.16 15.21 -20.05
N GLN A 12 -6.85 15.15 -18.91
CA GLN A 12 -7.81 16.17 -18.50
C GLN A 12 -7.36 16.97 -17.28
N GLU A 13 -6.70 16.30 -16.32
CA GLU A 13 -6.38 16.91 -15.02
C GLU A 13 -5.19 16.27 -14.33
N SER A 14 -4.26 17.08 -13.82
CA SER A 14 -3.11 16.57 -13.04
C SER A 14 -3.62 16.34 -11.61
N VAL A 15 -3.41 15.15 -11.06
CA VAL A 15 -3.96 14.81 -9.73
C VAL A 15 -2.88 14.52 -8.66
N GLY A 16 -1.63 14.40 -9.06
CA GLY A 16 -0.60 14.11 -8.08
C GLY A 16 0.64 13.47 -8.65
N LYS A 17 1.49 12.95 -7.78
CA LYS A 17 2.76 12.35 -8.20
C LYS A 17 3.17 11.26 -7.27
N GLY A 18 3.92 10.29 -7.80
CA GLY A 18 4.54 9.19 -7.06
C GLY A 18 5.97 9.61 -6.79
N ARG A 19 6.89 8.65 -6.50
CA ARG A 19 8.32 8.99 -6.28
C ARG A 19 8.90 9.53 -7.57
N PHE A 20 8.50 8.91 -8.68
CA PHE A 20 8.82 9.25 -10.06
C PHE A 20 7.47 9.19 -10.80
N GLY A 21 7.29 9.99 -11.83
CA GLY A 21 6.03 9.94 -12.55
C GLY A 21 4.88 10.70 -11.93
N GLU A 22 4.21 11.45 -12.80
CA GLU A 22 3.08 12.30 -12.46
C GLU A 22 1.79 11.57 -12.83
N VAL A 23 0.79 11.64 -11.96
CA VAL A 23 -0.50 10.98 -12.16
C VAL A 23 -1.52 12.01 -12.68
N TRP A 24 -2.23 11.62 -13.75
CA TRP A 24 -3.24 12.41 -14.43
C TRP A 24 -4.53 11.65 -14.54
N ARG A 25 -5.65 12.37 -14.58
CA ARG A 25 -6.97 11.82 -14.87
C ARG A 25 -7.08 12.01 -16.37
N GLY A 26 -7.40 10.94 -17.06
CA GLY A 26 -7.51 10.95 -18.50
C GLY A 26 -8.80 10.30 -18.96
N LYS A 27 -9.14 10.50 -20.21
CA LYS A 27 -10.36 9.92 -20.76
C LYS A 27 -9.99 9.02 -21.92
N TRP A 28 -10.44 7.77 -21.85
CA TRP A 28 -10.20 6.72 -22.82
C TRP A 28 -11.55 6.09 -23.22
N ARG A 29 -11.91 6.23 -24.51
CA ARG A 29 -13.15 5.72 -25.09
C ARG A 29 -14.35 5.98 -24.17
N GLY A 30 -14.50 7.25 -23.84
CA GLY A 30 -15.55 7.77 -22.97
C GLY A 30 -15.43 7.48 -21.49
N GLU A 31 -14.37 6.75 -21.06
CA GLU A 31 -14.22 6.41 -19.63
C GLU A 31 -13.02 7.07 -18.96
N GLU A 32 -13.12 7.26 -17.65
CA GLU A 32 -12.04 7.84 -16.84
C GLU A 32 -10.94 6.82 -16.54
N VAL A 33 -9.66 7.21 -16.71
CA VAL A 33 -8.49 6.36 -16.44
C VAL A 33 -7.44 7.18 -15.70
N ALA A 34 -6.55 6.51 -14.97
CA ALA A 34 -5.42 7.21 -14.35
C ALA A 34 -4.23 6.90 -15.23
N VAL A 35 -3.42 7.92 -15.48
CA VAL A 35 -2.22 7.77 -16.30
C VAL A 35 -1.06 8.23 -15.44
N LYS A 36 -0.08 7.35 -15.25
CA LYS A 36 1.14 7.71 -14.54
C LYS A 36 2.20 7.90 -15.61
N ILE A 37 2.72 9.13 -15.70
CA ILE A 37 3.65 9.51 -16.75
C ILE A 37 5.07 9.63 -16.25
N PHE A 38 6.01 8.96 -16.94
CA PHE A 38 7.44 8.98 -16.64
C PHE A 38 8.24 9.55 -17.82
N SER A 39 9.39 10.18 -17.54
CA SER A 39 10.26 10.70 -18.60
C SER A 39 11.14 9.54 -19.08
N SER A 40 11.77 9.69 -20.26
CA SER A 40 12.68 8.71 -20.86
C SER A 40 13.81 8.29 -19.91
N ARG A 41 14.33 9.24 -19.08
CA ARG A 41 15.38 8.92 -18.10
C ARG A 41 14.84 8.11 -16.89
N GLU A 42 13.51 7.97 -16.79
CA GLU A 42 12.86 7.19 -15.71
C GLU A 42 12.36 5.82 -16.22
N GLU A 43 12.86 5.36 -17.37
CA GLU A 43 12.50 4.05 -17.96
C GLU A 43 12.61 2.86 -16.99
N ARG A 44 13.66 2.81 -16.17
CA ARG A 44 13.83 1.69 -15.25
C ARG A 44 12.68 1.59 -14.24
N SER A 45 12.25 2.75 -13.69
CA SER A 45 11.15 2.81 -12.73
CA SER A 45 11.15 2.82 -12.74
C SER A 45 9.82 2.44 -13.41
N TRP A 46 9.60 2.97 -14.62
CA TRP A 46 8.40 2.72 -15.40
C TRP A 46 8.33 1.22 -15.71
N PHE A 47 9.45 0.66 -16.21
CA PHE A 47 9.52 -0.75 -16.62
C PHE A 47 9.24 -1.68 -15.46
N ARG A 48 9.88 -1.39 -14.32
CA ARG A 48 9.72 -2.19 -13.12
C ARG A 48 8.27 -2.22 -12.64
N GLU A 49 7.59 -1.06 -12.62
CA GLU A 49 6.19 -1.01 -12.19
C GLU A 49 5.27 -1.70 -13.21
N ALA A 50 5.56 -1.59 -14.53
CA ALA A 50 4.78 -2.29 -15.57
C ALA A 50 4.98 -3.79 -15.39
N GLU A 51 6.23 -4.20 -15.11
CA GLU A 51 6.58 -5.61 -14.89
C GLU A 51 5.74 -6.17 -13.70
N ILE A 52 5.66 -5.46 -12.56
CA ILE A 52 4.88 -5.92 -11.41
C ILE A 52 3.39 -6.01 -11.74
N PHE A 53 2.83 -4.94 -12.29
CA PHE A 53 1.43 -4.85 -12.71
C PHE A 53 1.03 -5.94 -13.69
N GLN A 54 1.98 -6.46 -14.46
CA GLN A 54 1.69 -7.52 -15.42
C GLN A 54 1.88 -8.93 -14.85
N THR A 55 2.17 -9.05 -13.55
CA THR A 55 2.36 -10.36 -12.91
C THR A 55 1.10 -11.25 -13.12
N VAL A 56 1.32 -12.50 -13.49
CA VAL A 56 0.26 -13.50 -13.69
C VAL A 56 -0.60 -13.62 -12.44
N MET A 57 -1.96 -13.65 -12.61
CA MET A 57 -2.95 -13.80 -11.53
C MET A 57 -2.97 -12.68 -10.49
N LEU A 58 -2.47 -11.48 -10.84
CA LEU A 58 -2.42 -10.36 -9.89
C LEU A 58 -3.78 -9.68 -9.64
N ARG A 59 -4.63 -9.58 -10.69
CA ARG A 59 -5.92 -8.87 -10.61
C ARG A 59 -6.75 -9.33 -9.44
N HIS A 60 -7.21 -8.38 -8.64
CA HIS A 60 -7.98 -8.63 -7.43
C HIS A 60 -8.74 -7.33 -7.19
N GLU A 61 -9.93 -7.39 -6.60
CA GLU A 61 -10.68 -6.15 -6.36
C GLU A 61 -9.95 -5.16 -5.44
N ASN A 62 -9.02 -5.62 -4.60
CA ASN A 62 -8.29 -4.74 -3.69
C ASN A 62 -6.86 -4.47 -4.15
N ILE A 63 -6.62 -4.63 -5.47
CA ILE A 63 -5.34 -4.30 -6.11
C ILE A 63 -5.72 -3.37 -7.26
N LEU A 64 -5.04 -2.23 -7.41
CA LEU A 64 -5.35 -1.30 -8.51
C LEU A 64 -5.32 -2.03 -9.86
N GLY A 65 -6.42 -1.91 -10.62
CA GLY A 65 -6.60 -2.56 -11.91
C GLY A 65 -5.70 -1.98 -12.98
N PHE A 66 -4.80 -2.81 -13.52
CA PHE A 66 -3.87 -2.40 -14.57
C PHE A 66 -4.54 -2.44 -15.92
N ILE A 67 -4.23 -1.48 -16.80
CA ILE A 67 -4.83 -1.47 -18.13
C ILE A 67 -3.75 -1.70 -19.17
N ALA A 68 -2.76 -0.80 -19.24
CA ALA A 68 -1.71 -0.91 -20.23
C ALA A 68 -0.48 -0.09 -19.87
N ALA A 69 0.66 -0.51 -20.43
CA ALA A 69 1.94 0.17 -20.39
C ALA A 69 2.10 0.61 -21.84
N ASP A 70 2.44 1.88 -22.07
CA ASP A 70 2.60 2.36 -23.45
C ASP A 70 3.58 3.52 -23.49
N ASN A 71 3.91 4.00 -24.70
CA ASN A 71 4.77 5.16 -24.96
C ASN A 71 3.90 6.19 -25.69
N LYS A 72 4.25 7.47 -25.59
CA LYS A 72 3.57 8.53 -26.33
C LYS A 72 4.62 9.51 -26.76
N ASP A 73 4.76 9.69 -28.08
CA ASP A 73 5.71 10.63 -28.65
C ASP A 73 4.96 11.90 -29.07
N ASN A 74 5.24 13.03 -28.44
CA ASN A 74 4.54 14.26 -28.79
C ASN A 74 5.17 14.99 -29.99
N GLY A 75 6.29 14.47 -30.50
CA GLY A 75 7.05 15.01 -31.63
C GLY A 75 8.35 15.65 -31.19
N THR A 76 8.50 15.93 -29.88
CA THR A 76 9.72 16.53 -29.29
C THR A 76 10.35 15.50 -28.33
N TRP A 77 9.54 14.95 -27.41
CA TRP A 77 10.01 13.94 -26.47
C TRP A 77 9.00 12.82 -26.31
N THR A 78 9.49 11.67 -25.81
CA THR A 78 8.70 10.48 -25.55
C THR A 78 8.41 10.38 -24.04
N GLN A 79 7.16 10.08 -23.72
CA GLN A 79 6.63 9.87 -22.38
C GLN A 79 6.35 8.39 -22.23
N LEU A 80 6.57 7.86 -21.03
CA LEU A 80 6.34 6.46 -20.74
C LEU A 80 5.13 6.42 -19.83
N TRP A 81 4.11 5.67 -20.23
CA TRP A 81 2.80 5.66 -19.57
C TRP A 81 2.45 4.34 -18.88
N LEU A 82 1.77 4.43 -17.76
CA LEU A 82 1.14 3.34 -17.05
C LEU A 82 -0.32 3.77 -16.89
N VAL A 83 -1.23 3.05 -17.55
CA VAL A 83 -2.64 3.37 -17.53
C VAL A 83 -3.31 2.37 -16.61
N THR A 84 -4.17 2.87 -15.72
CA THR A 84 -4.88 2.04 -14.75
C THR A 84 -6.30 2.56 -14.57
N ASP A 85 -7.10 1.89 -13.73
CA ASP A 85 -8.43 2.37 -13.38
C ASP A 85 -8.23 3.66 -12.58
N PHE A 86 -9.24 4.55 -12.63
CA PHE A 86 -9.22 5.83 -11.92
C PHE A 86 -10.14 5.74 -10.70
N HIS A 87 -9.61 6.09 -9.52
CA HIS A 87 -10.39 6.10 -8.27
C HIS A 87 -10.49 7.52 -7.74
N GLU A 88 -11.62 8.18 -8.06
CA GLU A 88 -11.92 9.59 -7.75
C GLU A 88 -11.55 10.07 -6.33
N HIS A 89 -11.71 9.23 -5.30
CA HIS A 89 -11.38 9.61 -3.90
C HIS A 89 -9.91 9.84 -3.62
N GLY A 90 -9.04 9.31 -4.48
CA GLY A 90 -7.61 9.38 -4.27
C GLY A 90 -7.20 8.37 -3.21
N ASN A 91 -6.19 8.73 -2.42
CA ASN A 91 -5.63 7.83 -1.44
C ASN A 91 -6.33 7.90 -0.08
N LEU A 92 -6.05 6.88 0.76
CA LEU A 92 -6.60 6.72 2.10
C LEU A 92 -6.18 7.88 2.99
N PHE A 93 -4.97 8.43 2.75
CA PHE A 93 -4.47 9.59 3.46
C PHE A 93 -5.46 10.77 3.26
N ASP A 94 -5.82 11.08 1.98
CA ASP A 94 -6.74 12.19 1.63
C ASP A 94 -8.13 11.98 2.23
N TYR A 95 -8.66 10.76 2.07
CA TYR A 95 -9.97 10.32 2.55
C TYR A 95 -10.07 10.48 4.09
N LEU A 96 -9.09 9.95 4.84
CA LEU A 96 -9.08 10.04 6.31
C LEU A 96 -8.87 11.46 6.80
N ASN A 97 -8.19 12.30 6.03
CA ASN A 97 -7.97 13.67 6.42
C ASN A 97 -9.28 14.49 6.29
N ARG A 98 -10.07 14.16 5.27
CA ARG A 98 -11.33 14.81 4.93
C ARG A 98 -12.51 14.26 5.72
N TYR A 99 -12.53 12.96 6.00
CA TYR A 99 -13.69 12.35 6.65
C TYR A 99 -13.36 11.58 7.89
N THR A 100 -14.42 11.30 8.66
CA THR A 100 -14.39 10.37 9.78
C THR A 100 -15.20 9.21 9.20
N VAL A 101 -15.09 8.03 9.80
CA VAL A 101 -15.81 6.84 9.34
C VAL A 101 -16.64 6.24 10.48
N THR A 102 -17.57 5.36 10.15
CA THR A 102 -18.35 4.63 11.15
C THR A 102 -17.56 3.35 11.44
N VAL A 103 -18.10 2.48 12.31
CA VAL A 103 -17.51 1.19 12.66
C VAL A 103 -17.48 0.30 11.39
N GLU A 104 -18.59 0.31 10.62
CA GLU A 104 -18.77 -0.41 9.35
C GLU A 104 -17.75 0.12 8.34
N GLY A 105 -17.69 1.44 8.18
CA GLY A 105 -16.74 2.13 7.31
C GLY A 105 -15.30 1.77 7.59
N MET A 106 -14.94 1.69 8.88
CA MET A 106 -13.59 1.33 9.34
C MET A 106 -13.23 -0.10 8.95
N ILE A 107 -14.12 -1.05 9.24
CA ILE A 107 -13.94 -2.48 8.93
C ILE A 107 -13.81 -2.69 7.42
N LYS A 108 -14.59 -1.98 6.61
CA LYS A 108 -14.52 -2.09 5.16
C LYS A 108 -13.13 -1.68 4.66
N LEU A 109 -12.61 -0.53 5.16
CA LEU A 109 -11.29 0.01 4.80
C LEU A 109 -10.16 -0.92 5.23
N ALA A 110 -10.18 -1.39 6.52
CA ALA A 110 -9.19 -2.30 7.08
C ALA A 110 -9.22 -3.68 6.42
N LEU A 111 -10.43 -4.28 6.29
CA LEU A 111 -10.59 -5.61 5.67
C LEU A 111 -10.15 -5.62 4.20
N SER A 112 -10.58 -4.62 3.42
CA SER A 112 -10.18 -4.58 1.99
C SER A 112 -8.64 -4.40 1.85
N THR A 113 -8.01 -3.55 2.69
CA THR A 113 -6.55 -3.37 2.66
C THR A 113 -5.85 -4.72 2.97
N ALA A 114 -6.35 -5.43 4.01
CA ALA A 114 -5.76 -6.72 4.41
C ALA A 114 -5.98 -7.76 3.30
N SER A 115 -7.15 -7.73 2.64
CA SER A 115 -7.44 -8.67 1.55
C SER A 115 -6.54 -8.44 0.35
N GLY A 116 -6.24 -7.19 0.02
CA GLY A 116 -5.34 -6.86 -1.08
C GLY A 116 -3.93 -7.32 -0.79
N LEU A 117 -3.47 -7.09 0.45
CA LEU A 117 -2.13 -7.48 0.86
C LEU A 117 -2.01 -9.01 0.94
N ALA A 118 -3.08 -9.70 1.40
CA ALA A 118 -3.09 -11.17 1.48
C ALA A 118 -2.92 -11.74 0.07
N HIS A 119 -3.66 -11.16 -0.91
CA HIS A 119 -3.56 -11.57 -2.31
C HIS A 119 -2.16 -11.29 -2.85
N LEU A 120 -1.60 -10.11 -2.53
CA LEU A 120 -0.26 -9.76 -2.97
C LEU A 120 0.78 -10.78 -2.48
N HIS A 121 0.76 -11.05 -1.16
CA HIS A 121 1.68 -11.98 -0.49
C HIS A 121 1.49 -13.45 -0.89
N MET A 122 0.30 -13.84 -1.36
CA MET A 122 -0.03 -15.21 -1.69
C MET A 122 0.72 -15.76 -2.91
N GLU A 123 1.36 -16.91 -2.71
CA GLU A 123 2.05 -17.67 -3.75
C GLU A 123 1.10 -18.79 -4.17
N ILE A 124 0.85 -18.94 -5.50
CA ILE A 124 0.11 -20.06 -6.09
C ILE A 124 1.21 -20.84 -6.85
N VAL A 125 1.59 -22.04 -6.36
CA VAL A 125 2.72 -22.77 -6.97
C VAL A 125 2.40 -23.32 -8.39
N GLY A 126 3.45 -23.35 -9.22
CA GLY A 126 3.40 -23.80 -10.61
C GLY A 126 3.56 -22.67 -11.62
N THR A 127 3.91 -23.02 -12.87
CA THR A 127 4.09 -22.10 -14.02
C THR A 127 2.81 -21.30 -14.34
N GLN A 128 1.62 -21.90 -14.12
CA GLN A 128 0.31 -21.28 -14.34
C GLN A 128 -0.22 -20.60 -13.05
N GLY A 129 0.63 -20.50 -12.04
CA GLY A 129 0.28 -19.93 -10.74
C GLY A 129 0.57 -18.45 -10.61
N LYS A 130 1.03 -18.06 -9.42
CA LYS A 130 1.31 -16.67 -9.07
C LYS A 130 2.47 -16.59 -8.10
N PRO A 131 3.47 -15.73 -8.36
CA PRO A 131 4.53 -15.54 -7.36
C PRO A 131 4.04 -14.61 -6.23
N ALA A 132 4.60 -14.83 -5.03
CA ALA A 132 4.37 -13.99 -3.87
C ALA A 132 5.07 -12.66 -4.15
N ILE A 133 4.40 -11.55 -3.79
CA ILE A 133 4.91 -10.20 -4.03
C ILE A 133 4.91 -9.46 -2.69
N ALA A 134 5.98 -8.72 -2.37
CA ALA A 134 5.97 -7.89 -1.18
C ALA A 134 6.03 -6.46 -1.72
N HIS A 135 5.16 -5.56 -1.22
CA HIS A 135 5.05 -4.16 -1.64
C HIS A 135 6.32 -3.32 -1.38
N ARG A 136 6.82 -3.28 -0.10
CA ARG A 136 8.03 -2.53 0.33
C ARG A 136 7.83 -0.99 0.50
N ASP A 137 6.64 -0.47 0.22
CA ASP A 137 6.39 0.95 0.45
C ASP A 137 4.94 1.17 0.81
N LEU A 138 4.35 0.26 1.59
CA LEU A 138 2.95 0.41 1.93
C LEU A 138 2.74 1.54 2.94
N LYS A 139 1.76 2.40 2.66
CA LYS A 139 1.42 3.57 3.46
C LYS A 139 0.04 4.04 3.06
N SER A 140 -0.56 4.97 3.84
CA SER A 140 -1.88 5.47 3.52
C SER A 140 -1.89 6.29 2.21
N LYS A 141 -0.73 6.84 1.78
CA LYS A 141 -0.64 7.58 0.51
C LYS A 141 -0.65 6.69 -0.75
N ASN A 142 -0.45 5.37 -0.58
CA ASN A 142 -0.38 4.32 -1.60
C ASN A 142 -1.58 3.38 -1.63
N ILE A 143 -2.57 3.68 -0.85
CA ILE A 143 -3.79 2.88 -0.77
C ILE A 143 -4.92 3.77 -1.28
N LEU A 144 -5.62 3.33 -2.31
CA LEU A 144 -6.71 4.11 -2.91
C LEU A 144 -8.07 3.67 -2.40
N VAL A 145 -8.99 4.63 -2.27
CA VAL A 145 -10.36 4.41 -1.80
C VAL A 145 -11.29 4.45 -3.02
N LYS A 146 -11.97 3.34 -3.27
CA LYS A 146 -12.93 3.16 -4.36
C LYS A 146 -14.28 3.77 -3.95
N LYS A 147 -15.19 3.93 -4.93
CA LYS A 147 -16.53 4.48 -4.74
C LYS A 147 -17.32 3.73 -3.65
N ASN A 148 -17.19 2.40 -3.62
CA ASN A 148 -17.90 1.55 -2.68
C ASN A 148 -17.36 1.58 -1.25
N GLY A 149 -16.41 2.48 -0.96
CA GLY A 149 -15.83 2.61 0.38
C GLY A 149 -14.81 1.55 0.77
N THR A 150 -14.31 0.78 -0.22
CA THR A 150 -13.27 -0.23 -0.02
C THR A 150 -11.96 0.27 -0.67
N CYS A 151 -10.85 -0.36 -0.33
CA CYS A 151 -9.51 0.03 -0.79
C CYS A 151 -8.94 -0.80 -1.87
N CYS A 152 -7.92 -0.26 -2.57
CA CYS A 152 -7.05 -0.99 -3.46
C CYS A 152 -5.63 -0.42 -3.41
N ILE A 153 -4.66 -1.31 -3.39
CA ILE A 153 -3.26 -0.96 -3.28
C ILE A 153 -2.72 -0.55 -4.67
N CYS A 154 -1.89 0.50 -4.69
CA CYS A 154 -1.22 0.96 -5.92
C CYS A 154 0.26 1.17 -5.64
N ASP A 155 1.00 1.77 -6.62
CA ASP A 155 2.40 2.20 -6.53
C ASP A 155 3.33 1.00 -6.22
N PHE A 156 3.55 0.16 -7.24
CA PHE A 156 4.30 -1.09 -7.13
C PHE A 156 5.75 -1.06 -7.63
N GLY A 157 6.31 0.12 -7.89
CA GLY A 157 7.69 0.28 -8.37
C GLY A 157 8.77 -0.28 -7.45
N LEU A 158 8.52 -0.33 -6.13
CA LEU A 158 9.50 -0.84 -5.18
C LEU A 158 9.29 -2.31 -4.81
N ALA A 159 8.22 -2.95 -5.35
CA ALA A 159 7.85 -4.35 -5.06
C ALA A 159 8.93 -5.37 -5.43
N VAL A 160 8.91 -6.51 -4.74
CA VAL A 160 9.82 -7.65 -4.97
C VAL A 160 8.96 -8.93 -5.13
N ARG A 161 9.33 -9.82 -6.08
CA ARG A 161 8.59 -11.06 -6.32
C ARG A 161 9.43 -12.27 -5.97
N HIS A 162 8.81 -13.29 -5.42
CA HIS A 162 9.47 -14.53 -5.03
C HIS A 162 9.23 -15.66 -6.03
N ASP A 163 10.29 -16.41 -6.37
CA ASP A 163 10.20 -17.59 -7.23
C ASP A 163 10.39 -18.81 -6.32
N SER A 164 9.32 -19.60 -6.09
CA SER A 164 9.35 -20.77 -5.21
C SER A 164 10.32 -21.88 -5.65
N ALA A 165 10.40 -22.15 -6.98
CA ALA A 165 11.30 -23.15 -7.59
C ALA A 165 12.77 -22.91 -7.21
N THR A 166 13.28 -21.68 -7.44
CA THR A 166 14.65 -21.29 -7.14
C THR A 166 14.84 -20.79 -5.71
N ASP A 167 13.73 -20.49 -4.97
CA ASP A 167 13.70 -19.93 -3.61
C ASP A 167 14.42 -18.57 -3.57
N THR A 168 14.35 -17.81 -4.70
CA THR A 168 15.03 -16.51 -4.86
C THR A 168 14.06 -15.34 -5.08
N ILE A 169 14.59 -14.12 -4.95
CA ILE A 169 13.93 -12.84 -5.17
C ILE A 169 14.30 -12.46 -6.60
N ASP A 170 13.35 -11.88 -7.37
CA ASP A 170 13.57 -11.56 -8.78
C ASP A 170 14.60 -10.43 -9.01
N ILE A 171 14.86 -9.60 -8.01
CA ILE A 171 15.86 -8.52 -8.10
C ILE A 171 16.88 -8.60 -6.94
N ALA A 172 17.94 -7.81 -7.03
CA ALA A 172 18.97 -7.64 -6.01
C ALA A 172 18.46 -6.38 -5.26
N PRO A 173 17.76 -6.53 -4.12
CA PRO A 173 17.15 -5.35 -3.51
C PRO A 173 18.09 -4.41 -2.78
N ASN A 174 17.87 -3.10 -2.99
CA ASN A 174 18.57 -2.02 -2.31
C ASN A 174 17.99 -1.93 -0.90
N HIS A 175 18.79 -1.49 0.06
CA HIS A 175 18.34 -1.37 1.43
C HIS A 175 17.64 -0.04 1.62
N ARG A 176 16.61 -0.02 2.51
CA ARG A 176 15.84 1.16 2.91
C ARG A 176 15.31 1.98 1.73
N VAL A 177 14.47 1.35 0.90
CA VAL A 177 13.94 1.98 -0.31
C VAL A 177 12.69 2.85 -0.10
N GLY A 178 11.86 2.48 0.88
CA GLY A 178 10.57 3.09 1.13
C GLY A 178 10.53 4.37 1.93
N THR A 179 9.33 4.69 2.38
CA THR A 179 9.00 5.87 3.19
C THR A 179 9.52 5.57 4.60
N LYS A 180 10.40 6.44 5.10
CA LYS A 180 11.10 6.28 6.38
C LYS A 180 10.16 6.08 7.57
N ARG A 181 9.07 6.84 7.63
CA ARG A 181 8.07 6.78 8.69
C ARG A 181 7.46 5.37 8.92
N TYR A 182 7.27 4.62 7.82
CA TYR A 182 6.61 3.30 7.82
C TYR A 182 7.59 2.12 7.79
N MET A 183 8.89 2.39 7.79
CA MET A 183 9.92 1.36 7.73
C MET A 183 9.89 0.54 9.01
N ALA A 184 9.91 -0.78 8.83
CA ALA A 184 9.91 -1.73 9.95
C ALA A 184 11.18 -1.57 10.79
N PRO A 185 11.15 -1.92 12.09
CA PRO A 185 12.37 -1.85 12.91
C PRO A 185 13.62 -2.48 12.29
N GLU A 186 13.49 -3.72 11.73
CA GLU A 186 14.57 -4.49 11.08
C GLU A 186 15.11 -3.83 9.81
N VAL A 187 14.27 -2.99 9.17
CA VAL A 187 14.65 -2.19 8.01
C VAL A 187 15.42 -0.95 8.51
N LEU A 188 14.90 -0.29 9.57
CA LEU A 188 15.55 0.90 10.17
C LEU A 188 16.95 0.65 10.71
N ASP A 189 17.16 -0.51 11.37
CA ASP A 189 18.46 -0.81 11.96
C ASP A 189 19.32 -1.73 11.04
N ASP A 190 18.82 -2.04 9.83
CA ASP A 190 19.50 -2.86 8.81
C ASP A 190 19.79 -4.33 9.25
N SER A 191 19.05 -4.86 10.24
CA SER A 191 19.18 -6.25 10.68
C SER A 191 18.39 -7.18 9.77
N ILE A 192 17.54 -6.63 8.87
CA ILE A 192 16.71 -7.39 7.93
C ILE A 192 17.57 -8.34 7.08
N ASN A 193 17.14 -9.59 6.98
CA ASN A 193 17.81 -10.58 6.16
C ASN A 193 17.18 -10.51 4.75
N MET A 194 17.86 -9.81 3.82
CA MET A 194 17.42 -9.59 2.43
C MET A 194 17.31 -10.88 1.60
N LYS A 195 17.93 -11.98 2.08
CA LYS A 195 17.96 -13.29 1.43
C LYS A 195 16.69 -14.14 1.67
N HIS A 196 15.91 -13.82 2.73
CA HIS A 196 14.67 -14.52 3.03
C HIS A 196 13.50 -13.63 2.61
N PHE A 197 12.64 -14.12 1.67
CA PHE A 197 11.50 -13.36 1.15
C PHE A 197 10.44 -13.08 2.22
N GLU A 198 10.33 -13.97 3.21
CA GLU A 198 9.39 -13.79 4.32
C GLU A 198 9.67 -12.49 5.09
N SER A 199 10.96 -12.03 5.12
CA SER A 199 11.37 -10.77 5.73
C SER A 199 10.57 -9.58 5.16
N PHE A 200 10.42 -9.55 3.81
CA PHE A 200 9.71 -8.49 3.10
C PHE A 200 8.24 -8.50 3.39
N LYS A 201 7.64 -9.70 3.47
CA LYS A 201 6.21 -9.85 3.82
C LYS A 201 5.97 -9.33 5.23
N ARG A 202 6.88 -9.66 6.16
CA ARG A 202 6.78 -9.22 7.56
C ARG A 202 6.90 -7.70 7.74
N ALA A 203 7.78 -7.04 6.98
CA ALA A 203 7.96 -5.58 6.99
C ALA A 203 6.71 -4.87 6.42
N ASP A 204 6.01 -5.47 5.42
CA ASP A 204 4.74 -4.94 4.88
C ASP A 204 3.65 -4.98 5.98
N ILE A 205 3.62 -6.06 6.77
CA ILE A 205 2.64 -6.22 7.87
C ILE A 205 2.78 -5.10 8.92
N TYR A 206 4.02 -4.77 9.29
CA TYR A 206 4.33 -3.69 10.23
C TYR A 206 3.70 -2.39 9.73
N ALA A 207 3.98 -2.02 8.45
CA ALA A 207 3.44 -0.82 7.80
C ALA A 207 1.92 -0.83 7.76
N MET A 208 1.29 -2.00 7.52
CA MET A 208 -0.18 -2.14 7.53
C MET A 208 -0.79 -1.84 8.91
N GLY A 209 -0.15 -2.33 9.98
CA GLY A 209 -0.61 -2.04 11.35
C GLY A 209 -0.59 -0.56 11.62
N LEU A 210 0.43 0.17 11.09
CA LEU A 210 0.49 1.64 11.19
C LEU A 210 -0.70 2.30 10.45
N VAL A 211 -1.04 1.78 9.25
CA VAL A 211 -2.16 2.26 8.43
C VAL A 211 -3.50 2.03 9.19
N PHE A 212 -3.63 0.88 9.89
CA PHE A 212 -4.83 0.56 10.67
C PHE A 212 -5.01 1.54 11.82
N TRP A 213 -3.88 1.97 12.43
CA TRP A 213 -3.86 2.96 13.51
C TRP A 213 -4.42 4.27 12.95
N GLU A 214 -4.01 4.65 11.72
CA GLU A 214 -4.48 5.90 11.09
C GLU A 214 -6.00 5.85 10.85
N ILE A 215 -6.53 4.68 10.39
CA ILE A 215 -7.97 4.46 10.17
C ILE A 215 -8.75 4.54 11.48
N ALA A 216 -8.34 3.73 12.49
CA ALA A 216 -9.04 3.66 13.79
C ALA A 216 -9.23 5.01 14.48
N ARG A 217 -8.26 5.94 14.34
CA ARG A 217 -8.35 7.30 14.93
C ARG A 217 -9.59 8.07 14.40
N ARG A 218 -9.93 7.81 13.14
CA ARG A 218 -11.02 8.45 12.42
C ARG A 218 -12.35 7.72 12.53
N CYS A 219 -12.42 6.61 13.30
CA CYS A 219 -13.69 5.91 13.54
C CYS A 219 -14.47 6.72 14.58
N SER A 220 -15.60 7.30 14.16
CA SER A 220 -16.46 8.14 15.00
C SER A 220 -17.62 7.33 15.58
N ILE A 221 -17.67 7.23 16.93
CA ILE A 221 -18.72 6.55 17.69
C ILE A 221 -19.26 7.57 18.69
N GLY A 222 -20.55 7.88 18.56
CA GLY A 222 -21.26 8.88 19.35
C GLY A 222 -20.69 10.26 19.12
N GLY A 223 -20.16 10.48 17.92
CA GLY A 223 -19.53 11.74 17.52
C GLY A 223 -18.13 11.96 18.05
N ILE A 224 -17.57 10.94 18.73
CA ILE A 224 -16.24 10.98 19.35
C ILE A 224 -15.20 10.26 18.45
N HIS A 225 -14.15 10.98 18.09
CA HIS A 225 -13.05 10.47 17.27
C HIS A 225 -11.80 11.29 17.57
N GLU A 226 -10.61 10.84 17.12
CA GLU A 226 -9.34 11.58 17.26
C GLU A 226 -9.14 12.41 15.96
N ASP A 227 -8.25 13.42 15.99
CA ASP A 227 -7.95 14.17 14.76
C ASP A 227 -7.03 13.32 13.85
N TYR A 228 -6.99 13.64 12.57
CA TYR A 228 -6.11 12.92 11.66
C TYR A 228 -4.66 13.20 11.99
N GLN A 229 -3.84 12.11 12.04
CA GLN A 229 -2.38 12.17 12.22
C GLN A 229 -1.69 11.00 11.51
N LEU A 230 -0.48 11.26 11.00
CA LEU A 230 0.38 10.23 10.45
C LEU A 230 0.98 9.47 11.66
N PRO A 231 1.37 8.18 11.53
CA PRO A 231 2.02 7.50 12.68
C PRO A 231 3.32 8.20 13.05
N TYR A 232 3.61 8.30 14.37
CA TYR A 232 4.82 8.94 14.94
C TYR A 232 4.82 10.48 14.82
N TYR A 233 3.64 11.10 14.57
CA TYR A 233 3.48 12.56 14.46
C TYR A 233 3.94 13.26 15.77
N ASP A 234 3.81 12.55 16.90
CA ASP A 234 4.13 12.96 18.25
C ASP A 234 5.60 12.77 18.61
N LEU A 235 6.40 12.11 17.73
CA LEU A 235 7.78 11.75 18.05
C LEU A 235 8.87 12.16 17.07
N VAL A 236 8.52 12.35 15.82
CA VAL A 236 9.52 12.63 14.79
C VAL A 236 9.14 13.89 14.01
N PRO A 237 10.07 14.55 13.28
CA PRO A 237 9.65 15.72 12.49
C PRO A 237 8.92 15.25 11.23
N SER A 238 8.42 16.20 10.42
CA SER A 238 7.85 15.89 9.11
C SER A 238 9.08 15.54 8.28
N ASP A 239 8.96 14.58 7.36
CA ASP A 239 10.06 14.08 6.54
C ASP A 239 11.20 13.54 7.47
N PRO A 240 10.90 12.57 8.37
CA PRO A 240 11.94 12.05 9.27
C PRO A 240 13.05 11.29 8.56
N SER A 241 14.27 11.38 9.09
CA SER A 241 15.41 10.67 8.54
C SER A 241 15.38 9.25 9.09
N VAL A 242 16.24 8.37 8.55
CA VAL A 242 16.33 7.00 9.05
C VAL A 242 16.78 7.02 10.54
N GLU A 243 17.78 7.86 10.90
CA GLU A 243 18.30 7.91 12.27
C GLU A 243 17.27 8.42 13.26
N GLU A 244 16.44 9.42 12.87
CA GLU A 244 15.35 9.92 13.73
C GLU A 244 14.33 8.78 14.00
N MET A 245 13.94 8.05 12.93
CA MET A 245 13.03 6.89 13.03
C MET A 245 13.63 5.75 13.89
N ARG A 246 14.89 5.34 13.58
CA ARG A 246 15.61 4.27 14.26
C ARG A 246 15.71 4.52 15.78
N LYS A 247 16.06 5.76 16.21
CA LYS A 247 16.13 6.14 17.63
C LYS A 247 14.81 5.92 18.32
N VAL A 248 13.69 6.23 17.65
CA VAL A 248 12.33 6.11 18.22
C VAL A 248 11.84 4.65 18.25
N VAL A 249 11.81 4.02 17.07
CA VAL A 249 11.25 2.69 16.85
C VAL A 249 12.14 1.58 17.38
N CYS A 250 13.45 1.68 17.15
CA CYS A 250 14.40 0.63 17.55
C CYS A 250 15.00 0.83 18.91
N GLU A 251 15.57 1.99 19.19
CA GLU A 251 16.24 2.23 20.47
C GLU A 251 15.26 2.45 21.61
N GLN A 252 14.33 3.41 21.47
CA GLN A 252 13.37 3.72 22.53
C GLN A 252 12.22 2.73 22.53
N LYS A 253 11.99 2.02 21.40
CA LYS A 253 10.97 0.96 21.24
C LYS A 253 9.51 1.48 21.36
N LEU A 254 9.29 2.71 20.90
CA LEU A 254 7.96 3.30 20.89
C LEU A 254 7.17 2.93 19.61
N ARG A 255 5.85 2.82 19.78
CA ARG A 255 4.88 2.58 18.73
C ARG A 255 3.81 3.69 18.84
N PRO A 256 2.94 3.93 17.81
CA PRO A 256 1.88 4.94 17.98
C PRO A 256 1.00 4.58 19.19
N ASN A 257 0.53 5.59 19.93
CA ASN A 257 -0.29 5.38 21.12
C ASN A 257 -1.64 4.83 20.77
N ILE A 258 -2.09 3.83 21.53
CA ILE A 258 -3.41 3.25 21.40
C ILE A 258 -4.31 3.91 22.49
N PRO A 259 -5.24 4.80 22.07
CA PRO A 259 -6.09 5.52 23.04
C PRO A 259 -6.96 4.62 23.90
N ASN A 260 -7.30 5.11 25.11
CA ASN A 260 -8.15 4.39 26.07
C ASN A 260 -9.54 4.08 25.51
N ARG A 261 -10.12 5.00 24.70
CA ARG A 261 -11.46 4.81 24.13
C ARG A 261 -11.57 3.63 23.12
N TRP A 262 -10.44 3.06 22.62
CA TRP A 262 -10.51 1.92 21.70
C TRP A 262 -10.85 0.59 22.43
N GLN A 263 -10.83 0.59 23.77
CA GLN A 263 -11.19 -0.56 24.58
C GLN A 263 -12.71 -0.61 24.86
N SER A 264 -13.45 0.49 24.58
CA SER A 264 -14.89 0.61 24.82
C SER A 264 -15.80 -0.01 23.75
N CYS A 265 -15.25 -0.31 22.57
CA CYS A 265 -15.97 -0.84 21.42
C CYS A 265 -15.26 -2.12 20.93
N GLU A 266 -16.02 -3.19 20.59
CA GLU A 266 -15.48 -4.49 20.12
C GLU A 266 -14.66 -4.37 18.83
N ALA A 267 -15.23 -3.66 17.81
CA ALA A 267 -14.57 -3.42 16.54
C ALA A 267 -13.23 -2.73 16.82
N LEU A 268 -13.23 -1.66 17.66
CA LEU A 268 -12.00 -0.95 18.03
C LEU A 268 -11.03 -1.82 18.82
N ARG A 269 -11.55 -2.72 19.69
CA ARG A 269 -10.70 -3.65 20.48
C ARG A 269 -9.97 -4.63 19.56
N VAL A 270 -10.68 -5.19 18.55
CA VAL A 270 -10.11 -6.16 17.59
C VAL A 270 -9.01 -5.46 16.73
N MET A 271 -9.30 -4.21 16.32
CA MET A 271 -8.39 -3.39 15.54
C MET A 271 -7.13 -3.08 16.35
N ALA A 272 -7.28 -2.70 17.63
CA ALA A 272 -6.15 -2.39 18.54
C ALA A 272 -5.25 -3.61 18.79
N LYS A 273 -5.86 -4.80 18.93
CA LYS A 273 -5.12 -6.06 19.09
C LYS A 273 -4.31 -6.41 17.81
N ILE A 274 -4.89 -6.21 16.60
CA ILE A 274 -4.19 -6.49 15.33
C ILE A 274 -2.96 -5.57 15.27
N MET A 275 -3.15 -4.28 15.60
CA MET A 275 -2.06 -3.29 15.61
C MET A 275 -0.85 -3.73 16.42
N ARG A 276 -1.07 -4.11 17.70
CA ARG A 276 0.00 -4.56 18.59
C ARG A 276 0.66 -5.82 18.01
N GLU A 277 -0.14 -6.70 17.38
CA GLU A 277 0.40 -7.91 16.79
C GLU A 277 1.08 -7.68 15.41
N CYS A 278 0.99 -6.45 14.82
CA CYS A 278 1.72 -6.09 13.58
C CYS A 278 3.01 -5.39 13.97
N TRP A 279 3.05 -4.84 15.21
CA TRP A 279 4.12 -3.95 15.66
C TRP A 279 5.28 -4.59 16.44
N TYR A 280 5.25 -5.91 16.64
CA TYR A 280 6.34 -6.63 17.31
C TYR A 280 7.66 -6.32 16.64
N ALA A 281 8.73 -6.08 17.42
CA ALA A 281 10.06 -5.81 16.86
C ALA A 281 10.52 -7.04 16.08
N ASN A 282 10.14 -8.25 16.60
CA ASN A 282 10.43 -9.53 15.99
C ASN A 282 9.42 -9.79 14.86
N GLY A 283 9.90 -9.68 13.62
CA GLY A 283 9.13 -9.92 12.39
C GLY A 283 8.43 -11.26 12.37
N ALA A 284 9.10 -12.35 12.83
CA ALA A 284 8.56 -13.73 12.90
C ALA A 284 7.30 -13.87 13.79
N ALA A 285 7.10 -12.97 14.78
CA ALA A 285 5.98 -12.96 15.72
C ALA A 285 4.72 -12.27 15.20
N ARG A 286 4.87 -11.43 14.14
CA ARG A 286 3.76 -10.68 13.58
C ARG A 286 2.69 -11.56 12.91
N LEU A 287 1.46 -11.07 12.86
CA LEU A 287 0.35 -11.73 12.17
C LEU A 287 0.65 -11.78 10.68
N THR A 288 0.01 -12.70 9.95
CA THR A 288 0.12 -12.74 8.48
C THR A 288 -1.04 -11.91 7.94
N ALA A 289 -0.97 -11.46 6.67
CA ALA A 289 -2.07 -10.68 6.09
C ALA A 289 -3.32 -11.57 5.97
N LEU A 290 -3.10 -12.87 5.68
CA LEU A 290 -4.19 -13.85 5.57
C LEU A 290 -4.95 -13.99 6.90
N ARG A 291 -4.21 -14.12 8.02
CA ARG A 291 -4.79 -14.20 9.37
C ARG A 291 -5.58 -12.93 9.76
N ILE A 292 -5.09 -11.73 9.33
CA ILE A 292 -5.78 -10.47 9.61
C ILE A 292 -7.11 -10.38 8.84
N LYS A 293 -7.09 -10.76 7.54
CA LYS A 293 -8.27 -10.83 6.67
C LYS A 293 -9.31 -11.76 7.33
N LYS A 294 -8.89 -12.93 7.85
CA LYS A 294 -9.78 -13.90 8.53
C LYS A 294 -10.42 -13.29 9.78
N THR A 295 -9.62 -12.65 10.64
CA THR A 295 -10.13 -11.96 11.85
C THR A 295 -11.13 -10.84 11.50
N LEU A 296 -10.79 -9.97 10.53
CA LEU A 296 -11.67 -8.87 10.14
C LEU A 296 -12.92 -9.33 9.35
N SER A 297 -12.84 -10.46 8.62
CA SER A 297 -13.99 -11.03 7.90
C SER A 297 -15.05 -11.45 8.95
N GLN A 298 -14.59 -12.16 10.01
CA GLN A 298 -15.42 -12.59 11.15
C GLN A 298 -16.10 -11.40 11.79
N LEU A 299 -15.34 -10.30 12.00
CA LEU A 299 -15.86 -9.05 12.56
C LEU A 299 -16.87 -8.40 11.61
N SER A 300 -16.64 -8.40 10.28
CA SER A 300 -17.58 -7.82 9.31
C SER A 300 -18.90 -8.62 9.26
N GLN A 301 -18.80 -9.96 9.34
CA GLN A 301 -19.95 -10.88 9.36
C GLN A 301 -20.85 -10.55 10.57
N GLN A 302 -20.24 -10.46 11.77
CA GLN A 302 -20.89 -10.16 13.04
C GLN A 302 -21.59 -8.77 13.09
N GLU A 303 -21.04 -7.76 12.40
CA GLU A 303 -21.56 -6.38 12.40
C GLU A 303 -22.72 -6.16 11.41
C13 5L4 B . -5.02 11.93 -6.57
C18 5L4 B . -0.85 6.95 -7.64
C17 5L4 B . -6.41 13.62 -5.30
C16 5L4 B . -7.28 10.64 -7.49
C15 5L4 B . -7.39 11.84 -6.77
C19 5L4 B . -0.07 5.90 -8.18
C21 5L4 B . 1.78 6.55 -7.00
C22 5L4 B . 1.11 7.59 -6.37
C23 5L4 B . -0.23 7.79 -6.69
C24 5L4 B . -6.39 14.98 -5.98
C11 5L4 B . -6.03 10.07 -7.75
C12 5L4 B . -4.90 10.77 -7.32
C27 5L4 B . -0.36 9.97 -5.53
C1 5L4 B . -6.96 8.03 -8.98
C2 5L4 B . -5.89 8.72 -8.36
N3 5L4 B . -4.67 8.15 -8.28
C4 5L4 B . -4.48 6.91 -8.80
C5 5L4 B . -5.58 6.22 -9.43
N6 5L4 B . -6.80 6.81 -9.49
N7 5L4 B . -5.45 5.03 -10.01
C8 5L4 B . -3.10 6.35 -8.64
O9 5L4 B . -2.82 5.23 -9.05
N10 5L4 B . -2.22 7.14 -7.97
C14 5L4 B . -6.27 12.47 -6.27
N20 5L4 B . 1.20 5.70 -7.88
O25 5L4 B . -6.48 16.01 -5.02
N26 5L4 B . -1.02 8.75 -6.00
C28 5L4 B . -1.41 11.03 -5.28
O29 5L4 B . -2.37 10.58 -4.31
C30 5L4 B . -3.00 9.31 -4.71
C31 5L4 B . -1.98 8.25 -5.01
H37 5L4 B . -4.12 12.40 -6.18
H41 5L4 B . -7.32 13.50 -4.73
H40 5L4 B . -5.61 13.59 -4.57
H39 5L4 B . -8.19 10.18 -7.84
H38 5L4 B . -8.38 12.26 -6.62
H42 5L4 B . -0.44 5.16 -8.89
H43 5L4 B . 2.84 6.35 -6.80
H44 5L4 B . 1.64 8.20 -5.65
H45 5L4 B . -5.51 15.09 -6.61
H46 5L4 B . -7.25 15.11 -6.63
H36 5L4 B . -3.90 10.45 -7.60
H49 5L4 B . 0.34 10.31 -6.30
H48 5L4 B . 0.25 9.82 -4.65
H32 5L4 B . -7.96 8.44 -9.11
H34 5L4 B . -6.25 4.57 -10.43
H33 5L4 B . -4.55 4.55 -10.07
H35 5L4 B . -2.58 8.05 -7.71
H47 5L4 B . -7.37 15.96 -4.60
H50 5L4 B . -0.97 11.91 -4.82
H51 5L4 B . -1.89 11.36 -6.20
H53 5L4 B . -3.69 9.45 -5.53
H52 5L4 B . -3.61 9.05 -3.85
H55 5L4 B . -2.48 7.36 -5.38
H54 5L4 B . -1.50 7.93 -4.09
#